data_3GSY
#
_entry.id   3GSY
#
_cell.length_a   68.940
_cell.length_b   68.940
_cell.length_c   247.260
_cell.angle_alpha   90.00
_cell.angle_beta   90.00
_cell.angle_gamma   90.00
#
_symmetry.space_group_name_H-M   'P 41 21 2'
#
loop_
_entity.id
_entity.type
_entity.pdbx_description
1 polymer 'Reticuline oxidase; Berberine bridge-forming enzyme'
2 branched beta-D-mannopyranose-(1-4)-2-acetamido-2-deoxy-beta-D-glucopyranose-(1-4)-2-acetamido-2-deoxy-beta-D-glucopyranose
3 non-polymer 'FLAVIN-ADENINE DINUCLEOTIDE'
4 non-polymer 2,9-dihydroxy-3,10-dimethoxy-5,6-dihydroisoquino[3,2-a]isoquinolinium
5 non-polymer 2-acetamido-2-deoxy-beta-D-glucopyranose
6 non-polymer 'MAGNESIUM ION'
7 water water
#
_entity_poly.entity_id   1
_entity_poly.type   'polypeptide(L)'
_entity_poly.pdbx_seq_one_letter_code
;EAEAGNDLLSCLTFNGVRNHTVFSADSDSDFNRFLHLSIQNPLFQNSLISKPSAIILPGSKEELSNTIRCIRKGSWTIRL
RSGGHSYEGLSYTSDTPFILIDLMNLNRVSIDLESETAWVESGSTLGELYYAITESSSKLGFTAGWCPTVGTGGHISGGG
FGMMSRKYGLAADNVVDAILIDANGAILDRQAMGEDVFWAIRGGGGGVWGAIYAWKIKLLPVPEKVTVFRVTKNVAIDEA
TSLLHKWQFVAEELEEDFTLSVLGGADEKQVWLTMLGFHFGLKTVAKSTFDLLFPELGLVEEDYLEMSWGESFAYLAGLE
TVSQLNNRFLKFDERAFKTKVDLTKEPLPSKAFYGLLERLSKEPNGFIALNGFGGQMSKISSDFTPFPHRSGTRLMVEYI
VAWNQSEQKKKTEFLDWLEKVYEFMKPFVSKNPRLGYVNHIDLDLGGIDWGNKTVVNNAIEISRSWGESYFLSNYERLIR
AKTLIDPNNVFNHPQSIPPMANFDYLEKTLGSDGGEVVI
;
_entity_poly.pdbx_strand_id   A
#
# COMPACT_ATOMS: atom_id res chain seq x y z
N ASP A 7 23.41 -5.96 26.45
CA ASP A 7 23.17 -4.58 26.84
C ASP A 7 21.77 -4.11 26.40
N LEU A 8 21.41 -4.40 25.16
CA LEU A 8 20.07 -4.08 24.69
C LEU A 8 19.04 -4.85 25.50
N LEU A 9 19.30 -6.14 25.70
CA LEU A 9 18.39 -6.98 26.46
C LEU A 9 18.23 -6.48 27.90
N SER A 10 19.34 -6.10 28.52
CA SER A 10 19.28 -5.62 29.89
C SER A 10 18.44 -4.34 29.98
N CYS A 11 18.55 -3.48 28.96
CA CYS A 11 17.74 -2.27 28.92
C CYS A 11 16.27 -2.63 28.81
N LEU A 12 15.96 -3.56 27.91
CA LEU A 12 14.58 -3.96 27.66
C LEU A 12 13.98 -4.59 28.92
N THR A 13 14.77 -5.39 29.62
CA THR A 13 14.35 -6.00 30.88
C THR A 13 14.09 -4.95 31.96
N PHE A 14 15.01 -4.02 32.10
CA PHE A 14 14.87 -2.95 33.07
C PHE A 14 13.60 -2.14 32.82
N ASN A 15 13.17 -2.10 31.56
CA ASN A 15 11.99 -1.33 31.17
C ASN A 15 10.73 -2.17 30.95
N GLY A 16 10.80 -3.46 31.24
CA GLY A 16 9.62 -4.31 31.20
C GLY A 16 9.20 -4.81 29.83
N VAL A 17 10.13 -4.83 28.89
CA VAL A 17 9.85 -5.38 27.56
C VAL A 17 10.43 -6.79 27.51
N ARG A 18 9.57 -7.79 27.41
CA ARG A 18 9.99 -9.17 27.60
C ARG A 18 10.00 -10.01 26.34
N ASN A 19 9.22 -9.59 25.33
CA ASN A 19 9.05 -10.43 24.16
C ASN A 19 10.10 -10.12 23.10
N HIS A 20 11.22 -10.83 23.19
CA HIS A 20 12.28 -10.64 22.22
C HIS A 20 13.06 -11.92 21.99
N THR A 21 13.70 -11.98 20.82
CA THR A 21 14.47 -13.14 20.42
CA THR A 21 14.47 -13.14 20.43
C THR A 21 15.72 -12.69 19.67
N VAL A 22 16.87 -13.21 20.05
CA VAL A 22 18.10 -12.84 19.38
C VAL A 22 18.34 -13.74 18.16
N PHE A 23 19.12 -13.23 17.21
CA PHE A 23 19.50 -14.00 16.04
C PHE A 23 19.96 -15.41 16.41
N SER A 24 19.45 -16.38 15.67
CA SER A 24 19.91 -17.76 15.77
C SER A 24 20.25 -18.29 14.39
N ALA A 25 21.37 -19.00 14.29
CA ALA A 25 21.77 -19.64 13.04
C ALA A 25 20.95 -20.91 12.81
N ASP A 26 20.27 -21.36 13.85
CA ASP A 26 19.44 -22.56 13.76
C ASP A 26 18.39 -22.40 12.68
N SER A 27 18.51 -23.21 11.63
CA SER A 27 17.59 -23.17 10.50
C SER A 27 16.14 -22.94 10.93
N ASP A 28 15.66 -23.72 11.88
CA ASP A 28 14.28 -23.61 12.34
C ASP A 28 14.15 -23.10 13.76
N SER A 29 15.07 -22.21 14.15
CA SER A 29 14.97 -21.53 15.44
C SER A 29 13.69 -20.71 15.51
N ASP A 30 13.31 -20.33 16.73
CA ASP A 30 12.17 -19.45 16.92
C ASP A 30 12.40 -18.08 16.26
N PHE A 31 13.64 -17.62 16.30
CA PHE A 31 14.02 -16.37 15.67
C PHE A 31 13.65 -16.38 14.19
N ASN A 32 14.01 -17.46 13.51
CA ASN A 32 13.73 -17.59 12.09
C ASN A 32 12.24 -17.67 11.81
N ARG A 33 11.52 -18.33 12.71
CA ARG A 33 10.07 -18.45 12.58
C ARG A 33 9.41 -17.07 12.63
N PHE A 34 9.83 -16.26 13.60
CA PHE A 34 9.26 -14.92 13.73
C PHE A 34 9.70 -14.04 12.55
N LEU A 35 10.93 -14.22 12.10
CA LEU A 35 11.42 -13.41 10.98
C LEU A 35 10.56 -13.63 9.75
N HIS A 36 10.30 -14.89 9.43
CA HIS A 36 9.63 -15.23 8.18
C HIS A 36 8.12 -15.11 8.20
N LEU A 37 7.56 -15.08 9.42
CA LEU A 37 6.12 -15.08 9.60
C LEU A 37 5.43 -13.99 8.77
N SER A 38 6.05 -12.81 8.72
CA SER A 38 5.48 -11.68 8.00
C SER A 38 6.34 -11.18 6.83
N ILE A 39 7.13 -12.06 6.22
CA ILE A 39 7.76 -11.68 4.96
C ILE A 39 6.76 -11.98 3.85
N GLN A 40 6.27 -10.93 3.20
CA GLN A 40 5.20 -11.11 2.22
C GLN A 40 5.70 -11.11 0.78
N ASN A 41 6.99 -10.83 0.59
CA ASN A 41 7.61 -11.01 -0.71
C ASN A 41 8.79 -11.98 -0.63
N PRO A 42 8.58 -13.23 -1.09
CA PRO A 42 9.61 -14.26 -1.04
C PRO A 42 10.92 -13.83 -1.71
N LEU A 43 10.87 -12.78 -2.52
CA LEU A 43 12.07 -12.26 -3.16
C LEU A 43 13.14 -11.94 -2.12
N PHE A 44 12.72 -11.61 -0.89
CA PHE A 44 13.63 -11.17 0.14
C PHE A 44 13.72 -12.17 1.30
N GLN A 45 13.55 -13.45 0.97
CA GLN A 45 13.49 -14.48 2.01
C GLN A 45 14.74 -15.36 2.05
N ASN A 46 15.56 -15.32 1.01
CA ASN A 46 16.71 -16.23 0.90
C ASN A 46 17.88 -15.92 1.85
N SER A 47 18.73 -16.91 2.07
CA SER A 47 19.80 -16.82 3.06
C SER A 47 20.82 -15.72 2.79
N LEU A 48 20.85 -15.20 1.57
CA LEU A 48 21.80 -14.15 1.21
C LEU A 48 21.37 -12.77 1.71
N ILE A 49 20.10 -12.63 2.08
CA ILE A 49 19.57 -11.34 2.54
C ILE A 49 20.03 -11.02 3.97
N SER A 50 20.17 -9.73 4.27
CA SER A 50 20.46 -9.26 5.62
C SER A 50 19.44 -9.77 6.63
N LYS A 51 19.88 -10.12 7.83
CA LYS A 51 18.97 -10.57 8.90
C LYS A 51 19.13 -9.72 10.16
N PRO A 52 18.04 -9.50 10.91
CA PRO A 52 18.08 -8.69 12.13
C PRO A 52 18.94 -9.34 13.23
N SER A 53 19.57 -8.52 14.06
CA SER A 53 20.33 -9.03 15.20
C SER A 53 19.42 -9.51 16.32
N ALA A 54 18.21 -8.95 16.35
CA ALA A 54 17.19 -9.38 17.30
C ALA A 54 15.83 -8.94 16.78
N ILE A 55 14.79 -9.57 17.29
CA ILE A 55 13.42 -9.21 16.95
C ILE A 55 12.68 -8.91 18.24
N ILE A 56 12.03 -7.75 18.30
CA ILE A 56 11.30 -7.34 19.48
C ILE A 56 9.83 -7.22 19.12
N LEU A 57 8.96 -7.80 19.96
CA LEU A 57 7.52 -7.72 19.78
C LEU A 57 6.85 -6.96 20.91
N PRO A 58 6.82 -5.63 20.82
CA PRO A 58 6.18 -4.85 21.88
C PRO A 58 4.69 -5.15 21.96
N GLY A 59 4.14 -5.15 23.17
CA GLY A 59 2.73 -5.49 23.38
C GLY A 59 1.87 -4.33 23.85
N SER A 60 2.46 -3.14 23.92
CA SER A 60 1.72 -1.95 24.34
C SER A 60 2.45 -0.70 23.86
N LYS A 61 1.79 0.46 23.92
CA LYS A 61 2.45 1.70 23.51
C LYS A 61 3.65 2.01 24.38
N GLU A 62 3.55 1.69 25.67
CA GLU A 62 4.67 1.90 26.57
C GLU A 62 5.86 1.02 26.21
N GLU A 63 5.61 -0.24 25.90
CA GLU A 63 6.68 -1.14 25.48
C GLU A 63 7.32 -0.68 24.16
N LEU A 64 6.50 -0.13 23.27
CA LEU A 64 7.03 0.37 22.00
C LEU A 64 7.93 1.57 22.27
N SER A 65 7.48 2.46 23.13
CA SER A 65 8.27 3.61 23.56
C SER A 65 9.60 3.18 24.16
N ASN A 66 9.55 2.25 25.09
CA ASN A 66 10.76 1.82 25.79
C ASN A 66 11.70 1.02 24.90
N THR A 67 11.13 0.31 23.93
CA THR A 67 11.94 -0.40 22.96
C THR A 67 12.80 0.58 22.17
N ILE A 68 12.16 1.61 21.63
CA ILE A 68 12.89 2.63 20.89
C ILE A 68 13.96 3.28 21.77
N ARG A 69 13.59 3.64 22.99
CA ARG A 69 14.52 4.28 23.93
C ARG A 69 15.77 3.42 24.16
N CYS A 70 15.58 2.13 24.33
CA CYS A 70 16.70 1.23 24.55
C CYS A 70 17.57 1.08 23.32
N ILE A 71 16.94 0.96 22.16
CA ILE A 71 17.70 0.78 20.92
C ILE A 71 18.64 1.95 20.68
N ARG A 72 18.20 3.14 21.08
CA ARG A 72 18.99 4.34 20.87
C ARG A 72 20.24 4.41 21.71
N LYS A 73 20.21 3.80 22.89
CA LYS A 73 21.38 3.75 23.75
C LYS A 73 22.50 2.97 23.07
N GLY A 74 22.13 2.15 22.08
CA GLY A 74 23.10 1.37 21.33
C GLY A 74 23.38 1.96 19.97
N SER A 75 23.93 1.15 19.08
CA SER A 75 24.26 1.57 17.72
C SER A 75 23.56 0.68 16.72
N TRP A 76 22.24 0.84 16.64
CA TRP A 76 21.42 -0.02 15.79
C TRP A 76 20.64 0.78 14.79
N THR A 77 20.31 0.15 13.67
CA THR A 77 19.31 0.71 12.77
C THR A 77 17.95 0.12 13.17
N ILE A 78 16.95 0.98 13.36
CA ILE A 78 15.60 0.51 13.69
C ILE A 78 14.86 0.14 12.42
N ARG A 79 14.22 -1.03 12.43
CA ARG A 79 13.30 -1.40 11.36
C ARG A 79 11.95 -1.74 11.97
N LEU A 80 10.91 -1.09 11.46
CA LEU A 80 9.54 -1.33 11.91
C LEU A 80 8.82 -2.23 10.92
N ARG A 81 8.11 -3.23 11.43
CA ARG A 81 7.29 -4.04 10.53
C ARG A 81 5.88 -4.21 11.07
N SER A 82 4.90 -3.94 10.21
CA SER A 82 3.50 -4.13 10.55
C SER A 82 2.99 -5.37 9.80
N GLY A 83 2.64 -5.22 8.53
CA GLY A 83 2.18 -6.35 7.73
C GLY A 83 3.25 -7.00 6.87
N GLY A 84 4.39 -6.34 6.74
CA GLY A 84 5.51 -6.89 5.98
C GLY A 84 5.32 -6.91 4.48
N HIS A 85 4.40 -6.08 3.98
CA HIS A 85 4.13 -6.06 2.54
C HIS A 85 5.06 -5.18 1.68
N SER A 86 6.03 -4.50 2.31
CA SER A 86 6.94 -3.65 1.54
C SER A 86 7.40 -4.32 0.25
N TYR A 87 7.17 -3.67 -0.89
CA TYR A 87 7.58 -4.25 -2.17
C TYR A 87 9.08 -4.49 -2.23
N GLU A 88 9.85 -3.71 -1.47
CA GLU A 88 11.31 -3.80 -1.48
C GLU A 88 11.87 -4.37 -0.17
N GLY A 89 11.00 -4.98 0.63
CA GLY A 89 11.40 -5.64 1.87
C GLY A 89 12.01 -4.69 2.89
N LEU A 90 11.61 -3.43 2.86
CA LEU A 90 12.29 -2.42 3.67
C LEU A 90 11.91 -2.43 5.14
N SER A 91 10.93 -3.24 5.50
CA SER A 91 10.56 -3.39 6.91
C SER A 91 11.39 -4.44 7.65
N TYR A 92 12.20 -5.22 6.92
CA TYR A 92 12.93 -6.33 7.56
C TYR A 92 14.30 -6.61 6.93
N THR A 93 14.81 -5.63 6.19
CA THR A 93 16.18 -5.70 5.68
C THR A 93 16.89 -4.37 5.91
N SER A 94 18.22 -4.44 5.96
CA SER A 94 19.09 -3.28 6.16
C SER A 94 20.53 -3.65 5.88
N ASP A 95 21.28 -2.72 5.28
CA ASP A 95 22.70 -2.95 5.02
C ASP A 95 23.53 -2.83 6.29
N THR A 96 22.99 -2.11 7.28
CA THR A 96 23.65 -1.93 8.56
C THR A 96 22.96 -2.82 9.59
N PRO A 97 23.69 -3.23 10.64
CA PRO A 97 23.11 -4.07 11.70
C PRO A 97 21.82 -3.45 12.20
N PHE A 98 20.77 -4.26 12.32
CA PHE A 98 19.47 -3.69 12.67
C PHE A 98 18.68 -4.50 13.67
N ILE A 99 17.73 -3.82 14.31
CA ILE A 99 16.79 -4.46 15.20
C ILE A 99 15.41 -4.37 14.57
N LEU A 100 14.73 -5.52 14.49
CA LEU A 100 13.40 -5.59 13.90
C LEU A 100 12.37 -5.47 15.00
N ILE A 101 11.58 -4.41 14.94
CA ILE A 101 10.47 -4.22 15.85
C ILE A 101 9.23 -4.65 15.10
N ASP A 102 8.76 -5.86 15.42
CA ASP A 102 7.60 -6.44 14.76
C ASP A 102 6.35 -6.09 15.57
N LEU A 103 5.37 -5.49 14.90
CA LEU A 103 4.19 -4.95 15.60
C LEU A 103 2.99 -5.88 15.59
N MET A 104 3.20 -7.16 15.30
CA MET A 104 2.07 -8.07 15.13
C MET A 104 1.22 -8.23 16.38
N ASN A 105 1.77 -7.96 17.56
CA ASN A 105 0.98 -8.07 18.78
C ASN A 105 0.15 -6.82 19.06
N LEU A 106 0.40 -5.76 18.30
CA LEU A 106 -0.35 -4.53 18.41
C LEU A 106 -1.44 -4.56 17.35
N ASN A 107 -2.40 -5.47 17.50
CA ASN A 107 -3.44 -5.61 16.49
C ASN A 107 -4.84 -5.44 17.05
N ARG A 108 -4.97 -4.61 18.08
CA ARG A 108 -6.28 -4.32 18.65
C ARG A 108 -7.00 -3.25 17.83
N VAL A 109 -8.29 -3.48 17.56
CA VAL A 109 -9.14 -2.51 16.90
C VAL A 109 -10.24 -2.20 17.90
N SER A 110 -10.45 -0.91 18.15
CA SER A 110 -11.47 -0.48 19.10
CA SER A 110 -11.47 -0.47 19.10
C SER A 110 -12.47 0.42 18.40
N ILE A 111 -13.68 -0.09 18.19
CA ILE A 111 -14.72 0.62 17.45
CA ILE A 111 -14.69 0.65 17.45
C ILE A 111 -15.59 1.40 18.42
N ASP A 112 -15.84 2.68 18.13
CA ASP A 112 -16.73 3.50 18.94
C ASP A 112 -17.95 3.79 18.08
N LEU A 113 -19.04 3.07 18.33
CA LEU A 113 -20.24 3.25 17.51
C LEU A 113 -20.97 4.55 17.81
N GLU A 114 -20.69 5.15 18.95
CA GLU A 114 -21.35 6.41 19.33
C GLU A 114 -20.76 7.58 18.55
N SER A 115 -19.47 7.49 18.23
CA SER A 115 -18.83 8.54 17.45
C SER A 115 -18.57 8.09 16.00
N GLU A 116 -18.76 6.80 15.73
CA GLU A 116 -18.42 6.23 14.42
C GLU A 116 -16.96 6.53 14.03
N THR A 117 -16.08 6.19 14.96
CA THR A 117 -14.63 6.25 14.75
C THR A 117 -14.05 4.96 15.29
N ALA A 118 -12.78 4.71 14.98
CA ALA A 118 -12.10 3.55 15.56
C ALA A 118 -10.66 3.91 15.83
N TRP A 119 -10.12 3.36 16.92
CA TRP A 119 -8.68 3.40 17.16
C TRP A 119 -8.14 2.06 16.72
N VAL A 120 -7.11 2.09 15.88
CA VAL A 120 -6.59 0.90 15.23
C VAL A 120 -5.09 0.80 15.51
N GLU A 121 -4.69 -0.18 16.32
CA GLU A 121 -3.27 -0.38 16.56
C GLU A 121 -2.60 -0.72 15.23
N SER A 122 -1.37 -0.26 15.08
CA SER A 122 -0.74 -0.25 13.77
C SER A 122 -0.25 -1.60 13.27
N GLY A 123 -0.29 -2.63 14.11
CA GLY A 123 -0.01 -3.98 13.65
C GLY A 123 -1.23 -4.63 13.02
N SER A 124 -2.39 -3.98 13.14
CA SER A 124 -3.61 -4.53 12.55
C SER A 124 -3.52 -4.56 11.02
N THR A 125 -3.99 -5.64 10.40
CA THR A 125 -4.04 -5.70 8.94
C THR A 125 -5.33 -5.07 8.44
N LEU A 126 -5.39 -4.80 7.15
CA LEU A 126 -6.62 -4.26 6.56
C LEU A 126 -7.78 -5.23 6.79
N GLY A 127 -7.51 -6.52 6.59
CA GLY A 127 -8.55 -7.53 6.79
C GLY A 127 -9.07 -7.57 8.23
N GLU A 128 -8.16 -7.52 9.19
CA GLU A 128 -8.56 -7.48 10.59
C GLU A 128 -9.45 -6.26 10.86
N LEU A 129 -9.05 -5.12 10.29
CA LEU A 129 -9.86 -3.91 10.44
C LEU A 129 -11.24 -4.07 9.81
N TYR A 130 -11.28 -4.53 8.57
CA TYR A 130 -12.56 -4.70 7.88
C TYR A 130 -13.48 -5.68 8.62
N TYR A 131 -12.89 -6.77 9.12
CA TYR A 131 -13.67 -7.75 9.88
C TYR A 131 -14.26 -7.13 11.14
N ALA A 132 -13.43 -6.37 11.87
CA ALA A 132 -13.90 -5.74 13.09
C ALA A 132 -15.05 -4.79 12.79
N ILE A 133 -14.94 -4.05 11.69
CA ILE A 133 -16.01 -3.10 11.34
C ILE A 133 -17.30 -3.83 11.01
N THR A 134 -17.23 -4.82 10.14
CA THR A 134 -18.43 -5.57 9.74
CA THR A 134 -18.43 -5.58 9.74
C THR A 134 -19.09 -6.25 10.94
N GLU A 135 -18.29 -6.70 11.89
CA GLU A 135 -18.85 -7.33 13.08
C GLU A 135 -19.65 -6.34 13.93
N SER A 136 -19.23 -5.08 13.90
CA SER A 136 -19.82 -4.06 14.76
C SER A 136 -21.07 -3.40 14.16
N SER A 137 -21.13 -3.34 12.84
CA SER A 137 -22.18 -2.57 12.17
C SER A 137 -22.39 -3.01 10.74
N SER A 138 -23.64 -3.01 10.29
CA SER A 138 -23.95 -3.33 8.90
C SER A 138 -23.98 -2.08 8.01
N LYS A 139 -23.76 -0.90 8.60
CA LYS A 139 -23.90 0.36 7.87
C LYS A 139 -22.63 1.22 7.91
N LEU A 140 -21.52 0.62 8.34
CA LEU A 140 -20.24 1.31 8.36
C LEU A 140 -19.17 0.53 7.60
N GLY A 141 -18.25 1.24 6.98
CA GLY A 141 -17.11 0.65 6.31
C GLY A 141 -15.90 1.57 6.41
N PHE A 142 -14.85 1.24 5.68
CA PHE A 142 -13.70 2.13 5.65
C PHE A 142 -13.00 2.00 4.32
N THR A 143 -12.39 3.09 3.87
CA THR A 143 -11.69 3.08 2.58
C THR A 143 -10.20 2.78 2.75
N ALA A 144 -9.78 1.64 2.24
CA ALA A 144 -8.37 1.28 2.21
C ALA A 144 -8.15 0.25 1.11
N GLY A 145 -6.96 -0.34 1.10
CA GLY A 145 -6.56 -1.21 0.02
C GLY A 145 -7.32 -2.51 -0.11
N TRP A 146 -7.03 -3.19 -1.21
CA TRP A 146 -7.72 -4.38 -1.67
C TRP A 146 -7.13 -5.66 -1.03
N CYS A 147 -5.81 -5.68 -0.82
CA CYS A 147 -5.15 -6.86 -0.25
C CYS A 147 -5.35 -6.95 1.27
N PRO A 148 -5.98 -8.03 1.74
CA PRO A 148 -6.38 -8.14 3.15
C PRO A 148 -5.24 -8.30 4.17
N THR A 149 -4.08 -8.78 3.75
CA THR A 149 -3.00 -9.04 4.70
C THR A 149 -2.05 -7.86 4.85
N VAL A 150 -2.32 -6.78 4.12
CA VAL A 150 -1.52 -5.55 4.22
C VAL A 150 -1.71 -4.94 5.62
N GLY A 151 -0.62 -4.45 6.20
CA GLY A 151 -0.69 -3.85 7.53
C GLY A 151 -1.10 -2.39 7.50
N THR A 152 -1.88 -1.96 8.48
CA THR A 152 -2.27 -0.56 8.54
C THR A 152 -1.07 0.34 8.80
N GLY A 153 -0.04 -0.21 9.44
CA GLY A 153 1.15 0.57 9.76
C GLY A 153 1.82 1.18 8.54
N GLY A 154 2.19 0.34 7.57
CA GLY A 154 2.78 0.85 6.35
C GLY A 154 1.76 1.49 5.43
N HIS A 155 0.60 0.86 5.33
CA HIS A 155 -0.39 1.24 4.31
C HIS A 155 -0.94 2.64 4.54
N ILE A 156 -1.43 2.91 5.75
CA ILE A 156 -1.98 4.24 6.00
C ILE A 156 -0.85 5.28 5.98
N SER A 157 0.34 4.90 6.42
CA SER A 157 1.47 5.83 6.40
C SER A 157 1.78 6.30 4.99
N GLY A 158 1.47 5.45 4.00
CA GLY A 158 1.73 5.80 2.61
C GLY A 158 0.53 6.30 1.81
N GLY A 159 -0.64 6.42 2.43
CA GLY A 159 -1.84 6.85 1.73
C GLY A 159 -2.94 5.80 1.86
N GLY A 160 -2.97 4.87 0.92
CA GLY A 160 -3.85 3.71 0.99
C GLY A 160 -5.04 3.82 0.07
N PHE A 161 -4.89 3.27 -1.14
CA PHE A 161 -5.90 3.38 -2.18
C PHE A 161 -6.65 2.09 -2.36
N GLY A 162 -7.97 2.17 -2.53
CA GLY A 162 -8.74 0.96 -2.77
C GLY A 162 -10.05 1.19 -3.53
N MET A 163 -10.91 0.19 -3.48
CA MET A 163 -12.13 0.14 -4.27
C MET A 163 -13.17 1.20 -3.90
N MET A 164 -13.03 1.82 -2.73
CA MET A 164 -13.92 2.90 -2.35
C MET A 164 -13.25 4.28 -2.38
N SER A 165 -12.05 4.36 -2.95
CA SER A 165 -11.35 5.64 -2.94
C SER A 165 -11.99 6.70 -3.85
N ARG A 166 -12.74 6.27 -4.87
CA ARG A 166 -13.44 7.23 -5.73
C ARG A 166 -14.59 7.89 -4.97
N LYS A 167 -15.03 7.25 -3.90
CA LYS A 167 -16.10 7.77 -3.04
C LYS A 167 -15.55 8.54 -1.83
N TYR A 168 -14.47 8.03 -1.25
CA TYR A 168 -14.03 8.51 0.05
C TYR A 168 -12.54 8.86 0.13
N GLY A 169 -11.81 8.73 -0.97
CA GLY A 169 -10.40 9.04 -0.93
C GLY A 169 -9.55 7.92 -0.35
N LEU A 170 -8.35 8.28 0.10
CA LEU A 170 -7.41 7.30 0.64
C LEU A 170 -7.71 7.02 2.09
N ALA A 171 -7.19 5.91 2.61
CA ALA A 171 -7.29 5.65 4.04
C ALA A 171 -6.79 6.85 4.84
N ALA A 172 -5.64 7.40 4.43
CA ALA A 172 -5.02 8.51 5.15
C ALA A 172 -5.85 9.79 5.13
N ASP A 173 -6.73 9.91 4.14
CA ASP A 173 -7.62 11.06 4.03
C ASP A 173 -8.72 11.02 5.08
N ASN A 174 -8.82 9.91 5.81
CA ASN A 174 -9.90 9.71 6.77
C ASN A 174 -9.36 9.41 8.17
N VAL A 175 -8.14 9.83 8.41
CA VAL A 175 -7.51 9.72 9.72
C VAL A 175 -7.70 11.04 10.47
N VAL A 176 -8.18 10.96 11.71
CA VAL A 176 -8.50 12.18 12.46
C VAL A 176 -7.61 12.39 13.70
N ASP A 177 -6.91 11.34 14.11
CA ASP A 177 -5.93 11.45 15.19
C ASP A 177 -4.98 10.27 15.01
N ALA A 178 -3.90 10.24 15.78
CA ALA A 178 -2.94 9.16 15.73
C ALA A 178 -2.06 9.27 16.95
N ILE A 179 -1.45 8.16 17.34
CA ILE A 179 -0.40 8.17 18.35
C ILE A 179 0.92 7.81 17.68
N LEU A 180 1.85 8.76 17.69
CA LEU A 180 3.17 8.56 17.11
C LEU A 180 4.18 8.48 18.25
N ILE A 181 5.05 7.47 18.19
CA ILE A 181 6.12 7.34 19.17
C ILE A 181 7.38 7.86 18.49
N ASP A 182 7.96 8.94 19.01
CA ASP A 182 9.08 9.57 18.31
C ASP A 182 10.44 8.96 18.66
N ALA A 183 11.49 9.55 18.10
CA ALA A 183 12.85 9.04 18.28
C ALA A 183 13.28 8.97 19.74
N ASN A 184 12.67 9.78 20.60
CA ASN A 184 13.02 9.77 22.03
C ASN A 184 12.04 8.96 22.87
N GLY A 185 11.10 8.31 22.19
CA GLY A 185 10.10 7.51 22.87
C GLY A 185 8.93 8.32 23.40
N ALA A 186 8.82 9.57 22.99
CA ALA A 186 7.68 10.39 23.40
C ALA A 186 6.41 9.78 22.82
N ILE A 187 5.30 9.90 23.56
CA ILE A 187 4.02 9.37 23.10
C ILE A 187 3.12 10.54 22.69
N LEU A 188 2.98 10.75 21.39
CA LEU A 188 2.40 11.99 20.88
C LEU A 188 1.10 11.76 20.14
N ASP A 189 0.03 12.43 20.58
CA ASP A 189 -1.20 12.45 19.78
C ASP A 189 -1.15 13.60 18.78
N ARG A 190 -2.24 13.79 18.03
CA ARG A 190 -2.28 14.86 17.05
C ARG A 190 -1.90 16.22 17.65
N GLN A 191 -2.52 16.57 18.79
CA GLN A 191 -2.22 17.83 19.44
C GLN A 191 -0.74 17.97 19.80
N ALA A 192 -0.14 16.88 20.26
CA ALA A 192 1.26 16.95 20.69
C ALA A 192 2.26 17.04 19.54
N MET A 193 1.99 16.30 18.46
CA MET A 193 2.94 16.25 17.35
C MET A 193 2.85 17.51 16.49
N GLY A 194 1.69 18.14 16.51
CA GLY A 194 1.48 19.37 15.75
C GLY A 194 0.97 19.09 14.35
N GLU A 195 0.43 20.11 13.69
CA GLU A 195 -0.24 19.90 12.41
C GLU A 195 0.66 19.51 11.23
N ASP A 196 1.89 20.00 11.22
CA ASP A 196 2.81 19.61 10.14
C ASP A 196 3.16 18.11 10.21
N VAL A 197 3.47 17.63 11.41
CA VAL A 197 3.76 16.21 11.57
C VAL A 197 2.52 15.34 11.39
N PHE A 198 1.36 15.82 11.87
CA PHE A 198 0.13 15.05 11.66
C PHE A 198 -0.23 14.97 10.18
N TRP A 199 0.12 16.00 9.43
CA TRP A 199 -0.03 15.99 7.98
C TRP A 199 0.96 14.99 7.37
N ALA A 200 2.22 15.07 7.78
CA ALA A 200 3.26 14.22 7.18
C ALA A 200 2.98 12.73 7.34
N ILE A 201 2.49 12.31 8.50
CA ILE A 201 2.30 10.89 8.72
C ILE A 201 1.15 10.29 7.90
N ARG A 202 0.26 11.15 7.40
CA ARG A 202 -0.90 10.70 6.62
C ARG A 202 -0.60 10.58 5.13
N GLY A 203 0.46 9.85 4.82
CA GLY A 203 0.83 9.61 3.43
C GLY A 203 2.28 9.88 3.10
N GLY A 204 3.04 10.43 4.05
CA GLY A 204 4.42 10.78 3.81
C GLY A 204 5.38 9.60 3.77
N GLY A 205 4.86 8.40 4.05
CA GLY A 205 5.63 7.17 3.95
C GLY A 205 5.98 6.59 5.31
N GLY A 206 5.91 5.26 5.41
CA GLY A 206 6.29 4.58 6.64
C GLY A 206 7.80 4.59 6.83
N GLY A 207 8.22 4.43 8.09
CA GLY A 207 9.62 4.25 8.43
C GLY A 207 10.44 5.54 8.42
N VAL A 208 9.76 6.67 8.57
CA VAL A 208 10.39 7.98 8.39
C VAL A 208 10.19 8.97 9.55
N TRP A 209 9.06 8.87 10.25
CA TRP A 209 8.65 9.92 11.19
C TRP A 209 8.77 9.49 12.63
N GLY A 210 8.90 8.18 12.82
CA GLY A 210 8.76 7.56 14.13
C GLY A 210 7.91 6.32 13.96
N ALA A 211 7.45 5.73 15.05
CA ALA A 211 6.61 4.54 14.98
C ALA A 211 5.17 4.89 15.30
N ILE A 212 4.27 4.71 14.34
CA ILE A 212 2.86 4.88 14.65
C ILE A 212 2.43 3.75 15.58
N TYR A 213 1.88 4.10 16.74
CA TYR A 213 1.32 3.09 17.62
C TYR A 213 -0.12 2.76 17.22
N ALA A 214 -0.90 3.80 16.91
CA ALA A 214 -2.29 3.58 16.52
C ALA A 214 -2.83 4.73 15.67
N TRP A 215 -3.80 4.41 14.82
CA TRP A 215 -4.48 5.40 14.02
C TRP A 215 -5.90 5.59 14.55
N LYS A 216 -6.38 6.83 14.56
CA LYS A 216 -7.80 7.05 14.80
C LYS A 216 -8.48 7.42 13.49
N ILE A 217 -9.39 6.57 13.04
CA ILE A 217 -10.01 6.76 11.74
C ILE A 217 -11.50 7.09 11.89
N LYS A 218 -12.04 7.82 10.91
CA LYS A 218 -13.47 8.05 10.84
C LYS A 218 -14.09 6.92 10.04
N LEU A 219 -15.06 6.23 10.63
CA LEU A 219 -15.78 5.18 9.90
C LEU A 219 -16.81 5.83 8.97
N LEU A 220 -17.07 5.19 7.84
CA LEU A 220 -17.79 5.84 6.74
C LEU A 220 -19.08 5.08 6.42
N PRO A 221 -20.13 5.81 6.02
CA PRO A 221 -21.40 5.14 5.75
C PRO A 221 -21.31 4.22 4.53
N VAL A 222 -21.94 3.06 4.66
CA VAL A 222 -22.16 2.16 3.53
C VAL A 222 -23.59 1.66 3.63
N PRO A 223 -24.23 1.38 2.49
CA PRO A 223 -25.58 0.80 2.54
C PRO A 223 -25.52 -0.62 3.07
N GLU A 224 -26.63 -1.13 3.60
CA GLU A 224 -26.65 -2.49 4.10
C GLU A 224 -26.41 -3.51 3.00
N LYS A 225 -26.77 -3.16 1.77
CA LYS A 225 -26.43 -3.99 0.62
C LYS A 225 -25.71 -3.17 -0.44
N VAL A 226 -24.55 -3.63 -0.86
CA VAL A 226 -23.87 -3.05 -2.02
C VAL A 226 -23.89 -4.07 -3.15
N THR A 227 -23.52 -3.64 -4.35
CA THR A 227 -23.51 -4.54 -5.49
C THR A 227 -22.10 -4.66 -6.05
N VAL A 228 -21.66 -5.90 -6.27
CA VAL A 228 -20.35 -6.12 -6.85
C VAL A 228 -20.40 -7.14 -7.98
N PHE A 229 -19.42 -7.07 -8.86
CA PHE A 229 -19.17 -8.14 -9.80
C PHE A 229 -17.68 -8.41 -9.96
N ARG A 230 -17.38 -9.66 -10.27
CA ARG A 230 -16.03 -10.13 -10.45
CA ARG A 230 -16.02 -10.11 -10.48
C ARG A 230 -16.08 -11.07 -11.64
N VAL A 231 -15.84 -10.54 -12.84
CA VAL A 231 -16.07 -11.29 -14.06
C VAL A 231 -14.85 -11.30 -14.95
N THR A 232 -14.38 -12.50 -15.28
CA THR A 232 -13.24 -12.63 -16.16
C THR A 232 -13.68 -12.86 -17.59
N LYS A 233 -13.24 -11.96 -18.46
CA LYS A 233 -13.48 -12.06 -19.89
C LYS A 233 -12.31 -12.77 -20.53
N ASN A 234 -12.60 -13.79 -21.33
CA ASN A 234 -11.57 -14.48 -22.11
C ASN A 234 -11.74 -14.13 -23.57
N VAL A 235 -10.82 -13.29 -24.07
CA VAL A 235 -10.99 -12.64 -25.36
C VAL A 235 -9.68 -12.67 -26.14
N ALA A 236 -9.71 -12.18 -27.37
CA ALA A 236 -8.50 -12.03 -28.16
C ALA A 236 -8.04 -10.59 -28.08
N ILE A 237 -6.86 -10.30 -28.62
CA ILE A 237 -6.25 -8.99 -28.41
C ILE A 237 -7.01 -7.81 -29.00
N ASP A 238 -7.65 -8.00 -30.15
CA ASP A 238 -8.41 -6.92 -30.74
CA ASP A 238 -8.45 -6.93 -30.76
C ASP A 238 -9.54 -6.47 -29.80
N GLU A 239 -10.30 -7.42 -29.29
CA GLU A 239 -11.38 -7.08 -28.36
C GLU A 239 -10.86 -6.57 -27.02
N ALA A 240 -9.82 -7.21 -26.49
CA ALA A 240 -9.24 -6.78 -25.22
C ALA A 240 -8.74 -5.34 -25.32
N THR A 241 -8.12 -5.00 -26.45
CA THR A 241 -7.64 -3.64 -26.66
C THR A 241 -8.78 -2.63 -26.66
N SER A 242 -9.86 -2.93 -27.39
CA SER A 242 -10.99 -2.02 -27.42
C SER A 242 -11.72 -1.96 -26.08
N LEU A 243 -11.71 -3.05 -25.33
CA LEU A 243 -12.30 -3.03 -24.00
C LEU A 243 -11.49 -2.16 -23.05
N LEU A 244 -10.17 -2.32 -23.06
CA LEU A 244 -9.35 -1.52 -22.14
C LEU A 244 -9.34 -0.05 -22.54
N HIS A 245 -9.34 0.21 -23.84
CA HIS A 245 -9.36 1.60 -24.31
C HIS A 245 -10.64 2.32 -23.91
N LYS A 246 -11.78 1.63 -23.99
CA LYS A 246 -13.02 2.24 -23.53
C LYS A 246 -13.08 2.28 -22.00
N TRP A 247 -12.59 1.22 -21.36
CA TRP A 247 -12.61 1.14 -19.90
C TRP A 247 -12.06 2.41 -19.27
N GLN A 248 -10.97 2.95 -19.81
CA GLN A 248 -10.32 4.08 -19.15
C GLN A 248 -11.27 5.27 -19.02
N PHE A 249 -12.11 5.48 -20.02
CA PHE A 249 -13.02 6.61 -19.98
C PHE A 249 -14.16 6.31 -19.03
N VAL A 250 -14.73 5.11 -19.14
CA VAL A 250 -15.82 4.73 -18.25
C VAL A 250 -15.38 4.85 -16.80
N ALA A 251 -14.20 4.33 -16.48
CA ALA A 251 -13.71 4.30 -15.10
C ALA A 251 -13.53 5.67 -14.45
N GLU A 252 -12.89 6.59 -15.16
CA GLU A 252 -12.59 7.88 -14.57
C GLU A 252 -13.86 8.73 -14.49
N GLU A 253 -14.79 8.47 -15.40
CA GLU A 253 -15.97 9.30 -15.53
C GLU A 253 -17.19 8.85 -14.71
N LEU A 254 -17.19 7.60 -14.27
CA LEU A 254 -18.28 7.07 -13.44
C LEU A 254 -18.55 8.00 -12.27
N GLU A 255 -19.81 8.11 -11.88
CA GLU A 255 -20.15 8.83 -10.66
C GLU A 255 -19.44 8.16 -9.47
N GLU A 256 -19.31 8.91 -8.38
CA GLU A 256 -18.48 8.43 -7.26
C GLU A 256 -19.02 7.17 -6.58
N ASP A 257 -20.29 6.87 -6.77
CA ASP A 257 -20.90 5.67 -6.18
C ASP A 257 -20.55 4.38 -6.96
N PHE A 258 -19.68 4.50 -7.96
CA PHE A 258 -19.26 3.34 -8.75
C PHE A 258 -17.75 3.28 -8.89
N THR A 259 -17.23 2.05 -8.92
CA THR A 259 -15.83 1.80 -9.26
C THR A 259 -15.75 0.60 -10.20
N LEU A 260 -15.01 0.75 -11.29
CA LEU A 260 -14.72 -0.37 -12.18
C LEU A 260 -13.23 -0.47 -12.39
N SER A 261 -12.63 -1.56 -11.90
CA SER A 261 -11.20 -1.77 -12.05
C SER A 261 -10.90 -3.06 -12.80
N VAL A 262 -9.64 -3.26 -13.20
CA VAL A 262 -9.31 -4.42 -14.02
C VAL A 262 -8.02 -5.08 -13.56
N LEU A 263 -8.02 -6.41 -13.53
CA LEU A 263 -6.80 -7.18 -13.48
C LEU A 263 -6.67 -7.87 -14.83
N GLY A 264 -5.48 -7.84 -15.44
CA GLY A 264 -5.34 -8.41 -16.77
C GLY A 264 -4.02 -9.13 -17.04
N GLY A 265 -4.07 -10.10 -17.94
CA GLY A 265 -2.88 -10.86 -18.34
C GLY A 265 -3.16 -11.58 -19.64
N ALA A 266 -2.16 -12.32 -20.14
CA ALA A 266 -2.35 -13.04 -21.39
C ALA A 266 -1.39 -14.21 -21.55
N ASP A 267 -1.63 -15.01 -22.58
CA ASP A 267 -0.76 -16.11 -22.92
C ASP A 267 -0.96 -16.41 -24.40
N GLU A 268 0.01 -16.00 -25.20
CA GLU A 268 -0.13 -16.05 -26.65
C GLU A 268 -1.46 -15.43 -27.11
N LYS A 269 -2.34 -16.20 -27.74
CA LYS A 269 -3.56 -15.61 -28.29
C LYS A 269 -4.67 -15.39 -27.27
N GLN A 270 -4.50 -15.93 -26.07
CA GLN A 270 -5.55 -15.84 -25.06
C GLN A 270 -5.32 -14.68 -24.07
N VAL A 271 -6.22 -13.71 -24.07
CA VAL A 271 -6.16 -12.63 -23.10
C VAL A 271 -7.25 -12.81 -22.07
N TRP A 272 -6.91 -12.56 -20.80
CA TRP A 272 -7.90 -12.59 -19.73
C TRP A 272 -7.98 -11.23 -19.05
N LEU A 273 -9.20 -10.73 -18.88
CA LEU A 273 -9.42 -9.46 -18.20
C LEU A 273 -10.43 -9.71 -17.11
N THR A 274 -10.02 -9.53 -15.85
CA THR A 274 -10.95 -9.66 -14.74
C THR A 274 -11.49 -8.29 -14.34
N MET A 275 -12.78 -8.10 -14.58
CA MET A 275 -13.46 -6.84 -14.27
C MET A 275 -13.97 -6.86 -12.85
N LEU A 276 -13.52 -5.88 -12.06
CA LEU A 276 -13.95 -5.74 -10.67
C LEU A 276 -14.87 -4.55 -10.51
N GLY A 277 -16.12 -4.80 -10.18
CA GLY A 277 -17.10 -3.73 -10.09
C GLY A 277 -17.67 -3.56 -8.69
N PHE A 278 -17.91 -2.30 -8.30
CA PHE A 278 -18.49 -2.01 -6.99
C PHE A 278 -19.48 -0.87 -7.16
N HIS A 279 -20.68 -1.03 -6.60
CA HIS A 279 -21.66 0.05 -6.55
C HIS A 279 -22.20 0.24 -5.14
N PHE A 280 -22.20 1.49 -4.69
CA PHE A 280 -22.78 1.87 -3.40
CA PHE A 280 -22.77 1.92 -3.42
C PHE A 280 -24.30 1.88 -3.49
N GLY A 281 -24.88 0.70 -3.69
CA GLY A 281 -26.32 0.60 -3.86
C GLY A 281 -26.72 -0.72 -4.48
N LEU A 282 -27.95 -0.78 -4.99
CA LEU A 282 -28.59 -2.03 -5.42
C LEU A 282 -28.32 -2.41 -6.87
N LYS A 283 -28.65 -3.65 -7.22
CA LYS A 283 -28.22 -4.21 -8.50
C LYS A 283 -28.92 -3.62 -9.71
N THR A 284 -30.17 -3.19 -9.55
CA THR A 284 -30.93 -2.63 -10.66
C THR A 284 -30.24 -1.37 -11.18
N VAL A 285 -29.86 -0.50 -10.24
CA VAL A 285 -29.12 0.70 -10.59
C VAL A 285 -27.73 0.37 -11.15
N ALA A 286 -27.03 -0.56 -10.51
CA ALA A 286 -25.71 -0.97 -10.99
C ALA A 286 -25.76 -1.43 -12.44
N LYS A 287 -26.68 -2.33 -12.75
CA LYS A 287 -26.74 -2.89 -14.10
C LYS A 287 -27.23 -1.88 -15.12
N SER A 288 -28.17 -1.01 -14.73
CA SER A 288 -28.64 0.03 -15.63
CA SER A 288 -28.64 0.02 -15.63
C SER A 288 -27.49 0.93 -16.05
N THR A 289 -26.63 1.24 -15.09
CA THR A 289 -25.47 2.10 -15.33
C THR A 289 -24.48 1.47 -16.32
N PHE A 290 -24.12 0.21 -16.09
CA PHE A 290 -23.16 -0.43 -16.98
C PHE A 290 -23.77 -0.85 -18.32
N ASP A 291 -25.07 -1.12 -18.34
CA ASP A 291 -25.74 -1.38 -19.60
C ASP A 291 -25.64 -0.15 -20.50
N LEU A 292 -25.77 1.03 -19.89
CA LEU A 292 -25.70 2.29 -20.63
C LEU A 292 -24.29 2.66 -21.04
N LEU A 293 -23.37 2.61 -20.08
CA LEU A 293 -22.02 3.13 -20.28
C LEU A 293 -21.03 2.11 -20.87
N PHE A 294 -21.27 0.82 -20.65
CA PHE A 294 -20.28 -0.17 -21.06
C PHE A 294 -20.94 -1.49 -21.49
N PRO A 295 -21.85 -1.44 -22.46
CA PRO A 295 -22.54 -2.65 -22.89
C PRO A 295 -21.57 -3.68 -23.50
N GLU A 296 -20.42 -3.20 -23.95
CA GLU A 296 -19.39 -4.07 -24.54
C GLU A 296 -18.85 -5.12 -23.57
N LEU A 297 -18.97 -4.84 -22.28
CA LEU A 297 -18.55 -5.81 -21.26
C LEU A 297 -19.37 -7.09 -21.30
N GLY A 298 -20.61 -6.98 -21.76
CA GLY A 298 -21.49 -8.13 -21.85
C GLY A 298 -21.83 -8.75 -20.51
N LEU A 299 -21.98 -7.91 -19.50
CA LEU A 299 -22.39 -8.38 -18.18
C LEU A 299 -23.87 -8.75 -18.18
N VAL A 300 -24.19 -9.85 -17.51
CA VAL A 300 -25.57 -10.30 -17.42
C VAL A 300 -26.06 -10.20 -15.98
N GLU A 301 -27.36 -10.36 -15.78
CA GLU A 301 -27.95 -10.18 -14.45
C GLU A 301 -27.24 -11.02 -13.39
N GLU A 302 -26.90 -12.26 -13.76
CA GLU A 302 -26.29 -13.21 -12.83
C GLU A 302 -24.90 -12.81 -12.39
N ASP A 303 -24.30 -11.85 -13.09
CA ASP A 303 -22.97 -11.34 -12.73
C ASP A 303 -23.02 -10.42 -11.51
N TYR A 304 -24.15 -9.74 -11.33
CA TYR A 304 -24.30 -8.75 -10.28
C TYR A 304 -24.77 -9.40 -8.98
N LEU A 305 -23.98 -9.24 -7.93
CA LEU A 305 -24.31 -9.80 -6.63
C LEU A 305 -24.49 -8.72 -5.57
N GLU A 306 -25.60 -8.79 -4.85
CA GLU A 306 -25.85 -7.92 -3.72
C GLU A 306 -25.42 -8.61 -2.44
N MET A 307 -24.67 -7.87 -1.62
CA MET A 307 -24.13 -8.44 -0.39
C MET A 307 -23.76 -7.30 0.54
N SER A 308 -23.37 -7.64 1.76
CA SER A 308 -22.97 -6.60 2.71
C SER A 308 -21.64 -5.99 2.28
N TRP A 309 -21.31 -4.83 2.85
CA TRP A 309 -20.02 -4.21 2.52
C TRP A 309 -18.87 -5.15 2.89
N GLY A 310 -18.92 -5.76 4.07
CA GLY A 310 -17.84 -6.65 4.47
C GLY A 310 -17.71 -7.83 3.51
N GLU A 311 -18.84 -8.39 3.15
CA GLU A 311 -18.82 -9.49 2.19
C GLU A 311 -18.21 -9.03 0.89
N SER A 312 -18.53 -7.80 0.47
CA SER A 312 -18.05 -7.30 -0.83
C SER A 312 -16.52 -7.19 -0.86
N PHE A 313 -15.93 -6.79 0.25
CA PHE A 313 -14.48 -6.62 0.29
C PHE A 313 -13.77 -7.98 0.32
N ALA A 314 -14.38 -8.97 0.97
CA ALA A 314 -13.83 -10.32 0.93
C ALA A 314 -13.98 -10.88 -0.48
N TYR A 315 -15.15 -10.66 -1.09
CA TYR A 315 -15.43 -11.19 -2.43
C TYR A 315 -14.53 -10.60 -3.52
N LEU A 316 -14.38 -9.28 -3.51
CA LEU A 316 -13.61 -8.62 -4.56
C LEU A 316 -12.15 -9.06 -4.54
N ALA A 317 -11.65 -9.40 -3.35
CA ALA A 317 -10.28 -9.89 -3.18
C ALA A 317 -10.12 -11.41 -3.40
N GLY A 318 -11.23 -12.08 -3.67
CA GLY A 318 -11.19 -13.50 -3.96
C GLY A 318 -11.12 -14.41 -2.74
N LEU A 319 -11.41 -13.86 -1.57
CA LEU A 319 -11.43 -14.66 -0.34
C LEU A 319 -12.67 -15.53 -0.34
N GLU A 320 -12.62 -16.63 0.41
CA GLU A 320 -13.75 -17.55 0.50
C GLU A 320 -14.90 -17.01 1.35
N THR A 321 -14.57 -16.33 2.44
CA THR A 321 -15.54 -15.85 3.42
C THR A 321 -15.08 -14.54 4.05
N VAL A 322 -16.02 -13.83 4.68
CA VAL A 322 -15.68 -12.68 5.48
C VAL A 322 -14.75 -13.10 6.61
N SER A 323 -14.97 -14.28 7.18
CA SER A 323 -14.10 -14.75 8.25
C SER A 323 -12.63 -14.72 7.85
N GLN A 324 -12.32 -14.98 6.59
CA GLN A 324 -10.93 -15.05 6.16
C GLN A 324 -10.25 -13.69 6.25
N LEU A 325 -11.04 -12.62 6.24
CA LEU A 325 -10.47 -11.28 6.42
C LEU A 325 -9.68 -11.22 7.72
N ASN A 326 -10.12 -11.96 8.73
CA ASN A 326 -9.55 -11.86 10.07
C ASN A 326 -8.33 -12.76 10.27
N ASN A 327 -7.84 -13.36 9.20
CA ASN A 327 -6.68 -14.25 9.31
C ASN A 327 -5.44 -13.61 8.69
N ARG A 328 -4.61 -12.98 9.53
CA ARG A 328 -3.49 -12.19 9.02
C ARG A 328 -2.42 -13.05 8.35
N PHE A 329 -2.45 -14.34 8.63
CA PHE A 329 -1.43 -15.25 8.11
C PHE A 329 -1.93 -16.09 6.95
N LEU A 330 -3.15 -15.81 6.49
CA LEU A 330 -3.66 -16.46 5.29
C LEU A 330 -2.75 -16.09 4.13
N LYS A 331 -2.27 -17.08 3.41
CA LYS A 331 -1.41 -16.83 2.26
C LYS A 331 -2.21 -16.33 1.06
N PHE A 332 -2.09 -15.04 0.79
CA PHE A 332 -2.85 -14.40 -0.27
C PHE A 332 -2.21 -14.70 -1.63
N ASP A 333 -0.89 -14.54 -1.70
CA ASP A 333 -0.14 -14.83 -2.91
C ASP A 333 1.30 -15.14 -2.52
N GLU A 334 1.68 -16.41 -2.61
CA GLU A 334 2.97 -16.87 -2.11
C GLU A 334 4.10 -16.74 -3.12
N ARG A 335 4.01 -15.79 -4.04
CA ARG A 335 5.00 -15.69 -5.11
C ARG A 335 5.97 -14.52 -4.92
N ALA A 336 7.25 -14.77 -5.21
CA ALA A 336 8.21 -13.69 -5.30
C ALA A 336 7.74 -12.76 -6.40
N PHE A 337 7.95 -11.45 -6.24
CA PHE A 337 7.46 -10.54 -7.26
C PHE A 337 8.21 -9.23 -7.32
N LYS A 338 8.07 -8.56 -8.46
CA LYS A 338 8.54 -7.20 -8.62
C LYS A 338 7.45 -6.47 -9.35
N THR A 339 7.25 -5.21 -8.99
CA THR A 339 6.15 -4.45 -9.54
C THR A 339 6.59 -3.00 -9.77
N LYS A 340 6.00 -2.36 -10.78
CA LYS A 340 6.19 -0.93 -10.99
C LYS A 340 4.82 -0.31 -11.22
N VAL A 341 4.74 1.01 -11.08
CA VAL A 341 3.45 1.68 -11.22
C VAL A 341 3.61 2.95 -12.04
N ASP A 342 2.54 3.34 -12.71
CA ASP A 342 2.48 4.64 -13.39
C ASP A 342 1.20 5.34 -12.99
N LEU A 343 1.23 6.66 -13.01
CA LEU A 343 0.04 7.48 -12.95
C LEU A 343 -0.06 8.20 -14.28
N THR A 344 -1.28 8.46 -14.74
CA THR A 344 -1.44 9.10 -16.04
C THR A 344 -2.19 10.41 -15.95
N LYS A 345 -1.98 11.27 -16.94
CA LYS A 345 -2.63 12.58 -17.01
C LYS A 345 -3.43 12.74 -18.30
N GLU A 346 -2.99 12.05 -19.35
CA GLU A 346 -3.69 12.09 -20.64
CA GLU A 346 -3.69 12.08 -20.64
C GLU A 346 -4.23 10.69 -20.94
N PRO A 347 -5.30 10.60 -21.73
CA PRO A 347 -5.81 9.27 -22.08
C PRO A 347 -4.73 8.44 -22.77
N LEU A 348 -4.77 7.13 -22.54
CA LEU A 348 -3.86 6.20 -23.19
C LEU A 348 -4.40 5.91 -24.58
N PRO A 349 -3.54 6.01 -25.60
CA PRO A 349 -3.99 5.65 -26.94
C PRO A 349 -4.20 4.15 -27.05
N SER A 350 -5.05 3.75 -27.99
CA SER A 350 -5.34 2.35 -28.18
C SER A 350 -4.04 1.53 -28.35
N LYS A 351 -3.07 2.07 -29.07
CA LYS A 351 -1.82 1.35 -29.34
C LYS A 351 -1.03 1.07 -28.07
N ALA A 352 -1.28 1.85 -27.02
CA ALA A 352 -0.57 1.62 -25.77
C ALA A 352 -1.10 0.36 -25.12
N PHE A 353 -2.42 0.21 -25.09
CA PHE A 353 -3.02 -1.03 -24.61
C PHE A 353 -2.66 -2.23 -25.49
N TYR A 354 -2.64 -2.04 -26.81
CA TYR A 354 -2.32 -3.12 -27.73
C TYR A 354 -0.91 -3.63 -27.42
N GLY A 355 0.04 -2.71 -27.33
CA GLY A 355 1.42 -3.06 -27.04
C GLY A 355 1.60 -3.70 -25.66
N LEU A 356 0.86 -3.20 -24.68
CA LEU A 356 0.93 -3.75 -23.33
C LEU A 356 0.43 -5.19 -23.35
N LEU A 357 -0.69 -5.43 -24.03
CA LEU A 357 -1.22 -6.78 -24.20
C LEU A 357 -0.29 -7.72 -24.97
N GLU A 358 0.35 -7.21 -26.02
CA GLU A 358 1.32 -8.01 -26.78
C GLU A 358 2.41 -8.49 -25.84
N ARG A 359 2.88 -7.59 -24.98
CA ARG A 359 3.96 -7.94 -24.04
C ARG A 359 3.50 -8.93 -22.97
N LEU A 360 2.28 -8.75 -22.49
CA LEU A 360 1.70 -9.70 -21.55
C LEU A 360 1.55 -11.08 -22.18
N SER A 361 1.23 -11.12 -23.47
CA SER A 361 0.98 -12.40 -24.13
C SER A 361 2.27 -13.21 -24.23
N LYS A 362 3.41 -12.52 -24.18
CA LYS A 362 4.72 -13.16 -24.27
C LYS A 362 5.26 -13.57 -22.90
N GLU A 363 4.62 -13.10 -21.84
CA GLU A 363 5.06 -13.39 -20.47
C GLU A 363 3.87 -13.67 -19.53
N PRO A 364 3.40 -14.92 -19.50
CA PRO A 364 2.22 -15.29 -18.72
C PRO A 364 2.38 -15.06 -17.22
N ASN A 365 3.61 -14.87 -16.74
CA ASN A 365 3.82 -14.58 -15.32
C ASN A 365 3.60 -13.10 -14.99
N GLY A 366 3.41 -12.29 -16.02
CA GLY A 366 3.12 -10.88 -15.82
C GLY A 366 1.63 -10.60 -15.76
N PHE A 367 1.25 -9.56 -15.02
CA PHE A 367 -0.11 -9.09 -15.06
C PHE A 367 -0.18 -7.60 -14.77
N ILE A 368 -1.33 -7.00 -15.04
CA ILE A 368 -1.52 -5.57 -14.79
C ILE A 368 -2.74 -5.35 -13.92
N ALA A 369 -2.73 -4.25 -13.18
CA ALA A 369 -3.89 -3.83 -12.41
C ALA A 369 -4.18 -2.39 -12.77
N LEU A 370 -5.42 -2.11 -13.16
CA LEU A 370 -5.81 -0.79 -13.65
C LEU A 370 -6.91 -0.19 -12.78
N ASN A 371 -6.68 1.04 -12.33
CA ASN A 371 -7.66 1.78 -11.55
C ASN A 371 -7.85 3.19 -12.09
N GLY A 372 -9.10 3.63 -12.10
CA GLY A 372 -9.41 5.00 -12.45
C GLY A 372 -9.41 5.86 -11.21
N PHE A 373 -9.01 7.11 -11.35
CA PHE A 373 -9.19 8.07 -10.27
C PHE A 373 -10.49 8.83 -10.56
N GLY A 374 -10.50 10.17 -10.43
CA GLY A 374 -11.73 10.90 -10.57
C GLY A 374 -12.56 10.83 -9.30
N GLY A 375 -13.84 11.20 -9.39
CA GLY A 375 -14.69 11.16 -8.22
C GLY A 375 -14.08 12.01 -7.11
N GLN A 376 -14.10 11.48 -5.90
CA GLN A 376 -13.61 12.23 -4.74
C GLN A 376 -12.11 12.47 -4.82
N MET A 377 -11.40 11.62 -5.58
CA MET A 377 -9.96 11.84 -5.74
C MET A 377 -9.66 13.16 -6.45
N SER A 378 -10.61 13.66 -7.25
CA SER A 378 -10.43 14.97 -7.88
C SER A 378 -10.93 16.14 -7.05
N LYS A 379 -11.57 15.85 -5.92
CA LYS A 379 -12.15 16.91 -5.10
C LYS A 379 -11.30 17.22 -3.89
N ILE A 380 -10.35 16.34 -3.60
CA ILE A 380 -9.40 16.54 -2.51
C ILE A 380 -8.20 17.31 -3.06
N SER A 381 -7.78 18.35 -2.35
CA SER A 381 -6.68 19.20 -2.78
CA SER A 381 -6.69 19.18 -2.81
C SER A 381 -5.39 18.40 -2.82
N SER A 382 -4.47 18.77 -3.70
CA SER A 382 -3.19 18.05 -3.80
C SER A 382 -2.37 18.15 -2.51
N ASP A 383 -2.65 19.14 -1.67
CA ASP A 383 -1.87 19.27 -0.44
C ASP A 383 -2.65 18.98 0.83
N PHE A 384 -3.86 18.44 0.69
CA PHE A 384 -4.66 18.05 1.87
C PHE A 384 -3.88 17.06 2.74
N THR A 385 -3.30 16.06 2.07
CA THR A 385 -2.35 15.15 2.71
C THR A 385 -1.17 15.02 1.73
N PRO A 386 -0.09 14.35 2.13
CA PRO A 386 1.07 14.29 1.24
C PRO A 386 0.87 13.64 -0.14
N PHE A 387 -0.07 12.70 -0.29
CA PHE A 387 -0.33 12.12 -1.63
C PHE A 387 -0.90 13.21 -2.56
N PRO A 388 -0.17 13.54 -3.64
CA PRO A 388 -0.51 14.75 -4.42
C PRO A 388 -1.33 14.51 -5.67
N HIS A 389 -1.53 13.25 -6.04
CA HIS A 389 -2.09 12.93 -7.35
C HIS A 389 -3.61 12.93 -7.31
N ARG A 390 -4.18 14.11 -7.48
CA ARG A 390 -5.61 14.32 -7.28
C ARG A 390 -6.24 14.78 -8.59
N SER A 391 -6.87 15.95 -8.61
CA SER A 391 -7.41 16.46 -9.87
C SER A 391 -6.37 16.41 -10.99
N GLY A 392 -6.81 15.98 -12.18
CA GLY A 392 -5.91 15.87 -13.31
C GLY A 392 -5.32 14.48 -13.49
N THR A 393 -5.32 13.68 -12.43
CA THR A 393 -4.81 12.32 -12.50
C THR A 393 -5.93 11.42 -13.02
N ARG A 394 -5.66 10.68 -14.08
CA ARG A 394 -6.70 9.86 -14.71
CA ARG A 394 -6.69 9.86 -14.73
C ARG A 394 -6.68 8.41 -14.23
N LEU A 395 -5.53 7.75 -14.36
CA LEU A 395 -5.40 6.33 -14.03
C LEU A 395 -4.19 6.03 -13.17
N MET A 396 -4.26 4.91 -12.45
CA MET A 396 -3.08 4.28 -11.86
C MET A 396 -2.93 2.90 -12.51
N VAL A 397 -1.74 2.63 -13.02
CA VAL A 397 -1.48 1.41 -13.79
C VAL A 397 -0.33 0.67 -13.15
N GLU A 398 -0.60 -0.54 -12.69
CA GLU A 398 0.44 -1.34 -12.04
CA GLU A 398 0.44 -1.33 -12.04
C GLU A 398 0.86 -2.47 -12.96
N TYR A 399 2.16 -2.70 -13.06
CA TYR A 399 2.71 -3.81 -13.83
C TYR A 399 3.39 -4.74 -12.84
N ILE A 400 3.03 -6.01 -12.87
CA ILE A 400 3.59 -6.98 -11.93
C ILE A 400 4.13 -8.22 -12.65
N VAL A 401 5.28 -8.70 -12.21
CA VAL A 401 5.74 -10.03 -12.63
C VAL A 401 6.01 -10.84 -11.35
N ALA A 402 5.52 -12.07 -11.33
CA ALA A 402 5.56 -12.89 -10.13
C ALA A 402 5.81 -14.35 -10.48
N TRP A 403 6.49 -15.07 -9.59
CA TRP A 403 6.88 -16.44 -9.90
C TRP A 403 7.01 -17.28 -8.63
N ASN A 404 6.85 -18.58 -8.77
CA ASN A 404 7.06 -19.49 -7.65
C ASN A 404 8.49 -20.04 -7.65
N GLN A 405 8.86 -20.77 -6.59
CA GLN A 405 10.23 -21.22 -6.43
C GLN A 405 10.74 -22.09 -7.58
N SER A 406 9.84 -22.84 -8.20
CA SER A 406 10.23 -23.74 -9.30
C SER A 406 10.62 -22.98 -10.56
N GLU A 407 10.35 -21.68 -10.58
CA GLU A 407 10.62 -20.84 -11.74
C GLU A 407 11.79 -19.88 -11.51
N GLN A 408 12.51 -20.08 -10.42
CA GLN A 408 13.57 -19.15 -9.99
C GLN A 408 14.68 -18.88 -11.02
N LYS A 409 14.96 -19.84 -11.88
CA LYS A 409 16.01 -19.64 -12.88
C LYS A 409 15.65 -18.58 -13.90
N LYS A 410 14.37 -18.27 -14.01
CA LYS A 410 13.91 -17.27 -14.98
C LYS A 410 13.83 -15.87 -14.37
N LYS A 411 14.28 -15.75 -13.13
CA LYS A 411 14.21 -14.48 -12.41
C LYS A 411 14.76 -13.33 -13.25
N THR A 412 15.95 -13.51 -13.81
CA THR A 412 16.55 -12.43 -14.59
C THR A 412 15.67 -12.06 -15.78
N GLU A 413 15.14 -13.08 -16.46
CA GLU A 413 14.27 -12.86 -17.60
C GLU A 413 12.99 -12.13 -17.21
N PHE A 414 12.42 -12.52 -16.07
CA PHE A 414 11.21 -11.89 -15.56
C PHE A 414 11.45 -10.40 -15.32
N LEU A 415 12.56 -10.07 -14.66
CA LEU A 415 12.87 -8.69 -14.32
C LEU A 415 13.14 -7.85 -15.57
N ASP A 416 13.78 -8.46 -16.56
CA ASP A 416 14.04 -7.81 -17.84
C ASP A 416 12.73 -7.48 -18.53
N TRP A 417 11.77 -8.41 -18.45
CA TRP A 417 10.47 -8.19 -19.07
C TRP A 417 9.78 -6.98 -18.47
N LEU A 418 9.78 -6.90 -17.14
CA LEU A 418 9.15 -5.79 -16.45
C LEU A 418 9.81 -4.48 -16.81
N GLU A 419 11.14 -4.49 -16.85
CA GLU A 419 11.91 -3.31 -17.22
C GLU A 419 11.50 -2.84 -18.60
N LYS A 420 11.33 -3.77 -19.52
CA LYS A 420 11.00 -3.42 -20.90
C LYS A 420 9.56 -2.89 -21.02
N VAL A 421 8.65 -3.44 -20.22
CA VAL A 421 7.27 -2.94 -20.18
C VAL A 421 7.25 -1.50 -19.70
N TYR A 422 8.00 -1.22 -18.64
CA TYR A 422 8.04 0.12 -18.10
C TYR A 422 8.63 1.10 -19.12
N GLU A 423 9.65 0.66 -19.84
CA GLU A 423 10.22 1.52 -20.87
C GLU A 423 9.22 1.75 -22.00
N PHE A 424 8.48 0.72 -22.38
CA PHE A 424 7.48 0.86 -23.43
C PHE A 424 6.41 1.90 -23.08
N MET A 425 6.02 1.94 -21.81
CA MET A 425 4.91 2.81 -21.41
C MET A 425 5.33 4.27 -21.23
N LYS A 426 6.63 4.51 -21.17
CA LYS A 426 7.17 5.86 -20.90
C LYS A 426 6.47 7.01 -21.62
N PRO A 427 6.30 6.92 -22.95
CA PRO A 427 5.74 8.08 -23.65
C PRO A 427 4.26 8.35 -23.37
N PHE A 428 3.55 7.38 -22.80
CA PHE A 428 2.10 7.51 -22.67
C PHE A 428 1.66 7.99 -21.30
N VAL A 429 2.56 7.89 -20.34
CA VAL A 429 2.20 8.15 -18.94
C VAL A 429 2.74 9.50 -18.46
N SER A 430 2.56 9.80 -17.18
CA SER A 430 3.03 11.08 -16.66
C SER A 430 4.52 11.27 -16.92
N LYS A 431 4.93 12.52 -17.16
CA LYS A 431 6.32 12.85 -17.45
C LYS A 431 6.73 14.14 -16.74
N ASN A 432 8.02 14.28 -16.49
CA ASN A 432 8.57 15.54 -15.98
C ASN A 432 7.94 16.03 -14.68
N PRO A 433 8.00 15.20 -13.62
CA PRO A 433 8.66 13.90 -13.60
C PRO A 433 7.67 12.76 -13.83
N ARG A 434 8.20 11.56 -14.06
CA ARG A 434 7.36 10.37 -14.13
C ARG A 434 6.90 10.06 -12.72
N LEU A 435 5.60 10.12 -12.49
CA LEU A 435 5.04 10.10 -11.14
C LEU A 435 5.01 8.69 -10.54
N GLY A 436 5.02 8.63 -9.21
CA GLY A 436 4.97 7.38 -8.49
C GLY A 436 4.12 7.52 -7.25
N TYR A 437 4.11 6.46 -6.44
CA TYR A 437 3.26 6.36 -5.26
C TYR A 437 4.10 5.71 -4.18
N VAL A 438 4.23 6.36 -3.02
CA VAL A 438 5.19 5.88 -2.03
C VAL A 438 4.87 4.47 -1.49
N ASN A 439 3.60 4.07 -1.48
CA ASN A 439 3.28 2.70 -1.06
C ASN A 439 3.75 1.69 -2.10
N HIS A 440 4.04 2.19 -3.30
CA HIS A 440 4.58 1.37 -4.37
CA HIS A 440 4.57 1.40 -4.39
C HIS A 440 6.06 1.72 -4.53
N ILE A 441 6.74 1.72 -3.39
CA ILE A 441 8.14 2.10 -3.32
C ILE A 441 8.96 1.37 -4.37
N ASP A 442 9.82 2.11 -5.07
CA ASP A 442 10.60 1.55 -6.17
C ASP A 442 12.04 2.03 -6.08
N LEU A 443 12.93 1.12 -5.70
CA LEU A 443 14.34 1.46 -5.51
C LEU A 443 15.09 1.65 -6.81
N ASP A 444 14.46 1.34 -7.94
CA ASP A 444 15.09 1.61 -9.24
C ASP A 444 15.33 3.11 -9.40
N LEU A 445 14.53 3.91 -8.68
CA LEU A 445 14.64 5.37 -8.73
C LEU A 445 15.92 5.87 -8.05
N GLY A 446 16.55 5.00 -7.26
CA GLY A 446 17.76 5.35 -6.53
C GLY A 446 17.58 5.16 -5.04
N GLY A 447 18.59 5.54 -4.25
CA GLY A 447 18.53 5.40 -2.81
C GLY A 447 19.72 6.05 -2.11
N ILE A 448 19.51 6.51 -0.89
CA ILE A 448 20.55 7.16 -0.10
C ILE A 448 21.27 6.15 0.80
N ASP A 449 22.60 6.16 0.76
CA ASP A 449 23.40 5.44 1.75
C ASP A 449 23.72 6.45 2.84
N TRP A 450 23.03 6.32 3.98
CA TRP A 450 23.14 7.30 5.06
C TRP A 450 24.51 7.27 5.75
N GLY A 451 25.34 6.29 5.41
CA GLY A 451 26.68 6.19 5.96
C GLY A 451 27.71 6.82 5.06
N ASN A 452 27.26 7.36 3.94
CA ASN A 452 28.14 7.97 2.94
C ASN A 452 28.10 9.49 3.02
N LYS A 453 29.20 10.08 3.50
CA LYS A 453 29.22 11.51 3.80
C LYS A 453 28.91 12.40 2.60
N THR A 454 29.50 12.11 1.44
CA THR A 454 29.31 12.97 0.27
C THR A 454 27.86 12.94 -0.20
N VAL A 455 27.24 11.77 -0.11
CA VAL A 455 25.84 11.62 -0.50
C VAL A 455 24.93 12.37 0.47
N VAL A 456 25.17 12.17 1.76
CA VAL A 456 24.36 12.82 2.79
C VAL A 456 24.43 14.35 2.71
N ASN A 457 25.61 14.90 2.42
CA ASN A 457 25.73 16.35 2.23
C ASN A 457 24.74 16.87 1.20
N ASN A 458 24.50 16.07 0.17
CA ASN A 458 23.64 16.48 -0.94
C ASN A 458 22.30 15.75 -0.91
N ALA A 459 21.89 15.30 0.27
CA ALA A 459 20.75 14.39 0.39
C ALA A 459 19.44 14.96 -0.15
N ILE A 460 19.20 16.24 0.05
CA ILE A 460 17.94 16.83 -0.39
C ILE A 460 17.83 16.78 -1.92
N GLU A 461 18.85 17.24 -2.64
CA GLU A 461 18.82 17.21 -4.09
CA GLU A 461 18.82 17.20 -4.10
C GLU A 461 18.71 15.78 -4.61
N ILE A 462 19.57 14.89 -4.08
CA ILE A 462 19.57 13.50 -4.51
C ILE A 462 18.20 12.85 -4.32
N SER A 463 17.60 13.13 -3.18
CA SER A 463 16.33 12.48 -2.82
CA SER A 463 16.33 12.49 -2.82
C SER A 463 15.16 13.05 -3.62
N ARG A 464 15.40 14.17 -4.31
CA ARG A 464 14.33 14.79 -5.09
C ARG A 464 13.90 13.88 -6.24
N SER A 465 14.80 13.01 -6.68
CA SER A 465 14.50 12.09 -7.78
CA SER A 465 14.51 12.06 -7.77
C SER A 465 13.26 11.24 -7.51
N TRP A 466 13.18 10.61 -6.35
CA TRP A 466 12.00 9.85 -6.01
C TRP A 466 11.01 10.72 -5.24
N GLY A 467 11.54 11.63 -4.44
CA GLY A 467 10.70 12.48 -3.59
C GLY A 467 9.64 13.25 -4.35
N GLU A 468 10.05 13.90 -5.44
CA GLU A 468 9.08 14.66 -6.23
C GLU A 468 8.15 13.75 -7.03
N SER A 469 8.62 12.55 -7.36
CA SER A 469 7.74 11.58 -8.03
C SER A 469 6.60 11.14 -7.12
N TYR A 470 6.90 10.93 -5.85
CA TYR A 470 5.90 10.48 -4.89
C TYR A 470 5.03 11.62 -4.38
N PHE A 471 5.62 12.82 -4.25
CA PHE A 471 4.99 13.87 -3.47
C PHE A 471 4.87 15.22 -4.15
N LEU A 472 5.46 15.35 -5.35
CA LEU A 472 5.50 16.63 -6.04
C LEU A 472 5.82 17.78 -5.10
N SER A 473 4.98 18.81 -5.11
CA SER A 473 5.26 20.03 -4.37
C SER A 473 5.12 19.86 -2.87
N ASN A 474 4.65 18.70 -2.44
CA ASN A 474 4.52 18.44 -1.00
C ASN A 474 5.86 18.06 -0.37
N TYR A 475 6.86 17.83 -1.22
CA TYR A 475 8.17 17.41 -0.75
CA TYR A 475 8.19 17.41 -0.77
C TYR A 475 8.78 18.41 0.23
N GLU A 476 8.63 19.69 -0.05
CA GLU A 476 9.21 20.74 0.81
C GLU A 476 8.69 20.71 2.25
N ARG A 477 7.36 20.62 2.38
CA ARG A 477 6.75 20.55 3.70
C ARG A 477 7.14 19.26 4.42
N LEU A 478 7.25 18.16 3.67
CA LEU A 478 7.71 16.89 4.25
C LEU A 478 9.09 17.03 4.90
N ILE A 479 10.00 17.71 4.20
CA ILE A 479 11.35 17.92 4.70
C ILE A 479 11.31 18.72 6.00
N ARG A 480 10.46 19.74 6.06
CA ARG A 480 10.33 20.54 7.27
CA ARG A 480 10.35 20.53 7.28
C ARG A 480 9.76 19.73 8.44
N ALA A 481 8.75 18.90 8.15
CA ALA A 481 8.17 18.04 9.17
C ALA A 481 9.20 17.04 9.67
N LYS A 482 10.00 16.50 8.75
CA LYS A 482 11.04 15.53 9.12
C LYS A 482 12.04 16.13 10.08
N THR A 483 12.48 17.34 9.78
CA THR A 483 13.46 18.05 10.60
C THR A 483 12.90 18.31 12.00
N LEU A 484 11.60 18.58 12.06
CA LEU A 484 10.94 18.86 13.33
C LEU A 484 10.80 17.61 14.23
N ILE A 485 10.36 16.50 13.65
CA ILE A 485 10.06 15.30 14.44
C ILE A 485 11.22 14.29 14.57
N ASP A 486 12.15 14.30 13.61
CA ASP A 486 13.27 13.35 13.63
C ASP A 486 14.56 14.00 13.11
N PRO A 487 15.00 15.09 13.76
CA PRO A 487 16.18 15.84 13.29
C PRO A 487 17.44 14.98 13.22
N ASN A 488 17.52 13.95 14.06
CA ASN A 488 18.70 13.09 14.11
C ASN A 488 18.60 11.88 13.18
N ASN A 489 17.50 11.80 12.43
CA ASN A 489 17.34 10.77 11.43
C ASN A 489 17.39 9.35 11.98
N VAL A 490 16.71 9.13 13.10
CA VAL A 490 16.63 7.81 13.70
C VAL A 490 15.84 6.84 12.82
N PHE A 491 14.85 7.38 12.10
CA PHE A 491 14.02 6.58 11.23
C PHE A 491 14.39 6.86 9.78
N ASN A 492 15.13 5.94 9.19
CA ASN A 492 15.70 6.15 7.87
C ASN A 492 15.73 4.87 7.05
N HIS A 493 15.72 5.03 5.73
CA HIS A 493 15.83 3.91 4.80
C HIS A 493 16.31 4.49 3.47
N PRO A 494 16.50 3.66 2.44
CA PRO A 494 17.14 4.23 1.24
C PRO A 494 16.36 5.38 0.60
N GLN A 495 15.04 5.44 0.84
CA GLN A 495 14.25 6.54 0.27
C GLN A 495 13.49 7.39 1.30
N SER A 496 13.97 7.44 2.54
CA SER A 496 13.32 8.24 3.57
C SER A 496 13.56 9.74 3.34
N ILE A 497 12.60 10.57 3.74
CA ILE A 497 12.74 12.03 3.61
C ILE A 497 13.93 12.51 4.43
N PRO A 498 14.84 13.29 3.82
CA PRO A 498 16.02 13.78 4.55
C PRO A 498 15.67 14.91 5.50
N PRO A 499 16.28 14.93 6.69
CA PRO A 499 16.20 16.09 7.57
C PRO A 499 17.17 17.13 7.05
N MET A 500 16.91 18.41 7.29
CA MET A 500 17.94 19.40 7.00
C MET A 500 19.08 19.28 7.98
N ALA A 501 20.29 19.54 7.53
CA ALA A 501 21.48 19.41 8.36
C ALA A 501 21.47 20.38 9.51
#